data_6FCD
#
_entry.id   6FCD
#
_cell.length_a   67.141
_cell.length_b   94.230
_cell.length_c   116.820
_cell.angle_alpha   90.00
_cell.angle_beta   90.00
_cell.angle_gamma   90.00
#
_symmetry.space_group_name_H-M   'I 2 2 2'
#
loop_
_entity.id
_entity.type
_entity.pdbx_description
1 polymer 'S-adenosylmethionine synthase isoform type-2'
2 non-polymer 'MAGNESIUM ION'
3 non-polymer 'POTASSIUM ION'
4 non-polymer 'TETRAETHYLENE GLYCOL'
5 non-polymer ADENOSINE
6 non-polymer PYROPHOSPHATE
7 non-polymer DI(HYDROXYETHYL)ETHER
8 non-polymer 1,2-ETHANEDIOL
9 water water
#
_entity_poly.entity_id   1
_entity_poly.type   'polypeptide(L)'
_entity_poly.pdbx_seq_one_letter_code
;MNGQLNGFHEAFIEEGTFLFTSESVGEGHPDKICDQISDAVLDAHLQQDPDAKVACETVAKTGMILLAGEITSRAAVDYQ
KVVREAVKHIGYDDSSKGFDYKTCNVLVALEQQSPDIAQGVHLDRNEEDIGAGDQGLMFGYATDETEECMPLTIVLAHKL
NAKLAELRRNGTLPWLRPDSKTQVTVQYMQDRGAVLPIRVHTIVISVQHDEEVCLDEMRDALKEKVIKAVVPAKYLDEDT
IYHLQPSGRFVIGGPQGDAGLTGAKIIVDTYGGWGAHGGGAFSGKDYTKVDRSAAYAARWVAKSLVKGGLCRRVLVQVSY
AIGVSHPLSISIFHYGTSQKSERELLEIVKKNFDLRPGVIVRDLDLKKPIYQRTAAYGHFGRDSFPWEVPKKLKY
;
_entity_poly.pdbx_strand_id   A
#
loop_
_chem_comp.id
_chem_comp.type
_chem_comp.name
_chem_comp.formula
ADN non-polymer ADENOSINE 'C10 H13 N5 O4'
EDO non-polymer 1,2-ETHANEDIOL 'C2 H6 O2'
K non-polymer 'POTASSIUM ION' 'K 1'
MG non-polymer 'MAGNESIUM ION' 'Mg 2'
PEG non-polymer DI(HYDROXYETHYL)ETHER 'C4 H10 O3'
PG4 non-polymer 'TETRAETHYLENE GLYCOL' 'C8 H18 O5'
PPV non-polymer PYROPHOSPHATE 'H4 O7 P2'
#
# COMPACT_ATOMS: atom_id res chain seq x y z
N GLY A 16 12.76 -26.83 -12.93
CA GLY A 16 11.32 -26.40 -12.71
C GLY A 16 11.13 -25.33 -11.61
N THR A 17 12.19 -24.61 -11.25
CA THR A 17 12.07 -23.55 -10.28
C THR A 17 12.29 -22.20 -10.93
N PHE A 18 11.80 -21.15 -10.25
CA PHE A 18 11.99 -19.79 -10.74
C PHE A 18 12.20 -18.85 -9.56
N LEU A 19 12.91 -17.74 -9.82
CA LEU A 19 13.06 -16.72 -8.81
C LEU A 19 12.03 -15.59 -9.02
N PHE A 20 11.59 -14.95 -7.94
CA PHE A 20 10.78 -13.75 -8.04
C PHE A 20 11.14 -12.85 -6.89
N THR A 21 11.20 -11.54 -7.18
CA THR A 21 11.64 -10.52 -6.22
C THR A 21 10.55 -9.48 -6.00
N SER A 22 10.35 -9.12 -4.71
CA SER A 22 9.52 -7.95 -4.33
C SER A 22 10.29 -7.09 -3.34
N GLU A 23 9.87 -5.83 -3.22
CA GLU A 23 10.46 -4.89 -2.24
C GLU A 23 9.38 -4.27 -1.37
N SER A 24 9.82 -3.68 -0.26
CA SER A 24 8.99 -2.87 0.58
C SER A 24 9.85 -1.74 1.13
N VAL A 25 9.18 -0.71 1.63
CA VAL A 25 9.88 0.41 2.27
C VAL A 25 9.31 0.67 3.63
N GLY A 26 10.09 1.33 4.49
CA GLY A 26 9.63 1.63 5.82
C GLY A 26 8.83 2.91 5.89
N GLU A 27 8.34 3.19 7.08
CA GLU A 27 7.52 4.35 7.34
C GLU A 27 8.18 5.69 7.06
N GLY A 28 9.49 5.76 7.22
CA GLY A 28 10.23 6.97 6.98
C GLY A 28 10.84 7.10 5.61
N HIS A 29 10.59 6.16 4.71
CA HIS A 29 10.97 6.34 3.30
C HIS A 29 10.25 7.55 2.80
N PRO A 30 10.94 8.44 2.08
CA PRO A 30 10.29 9.70 1.76
C PRO A 30 8.96 9.59 0.99
N ASP A 31 8.84 8.64 0.05
CA ASP A 31 7.55 8.43 -0.64
C ASP A 31 6.41 7.98 0.35
N LYS A 32 6.76 7.11 1.28
CA LYS A 32 5.81 6.63 2.25
C LYS A 32 5.41 7.70 3.28
N ILE A 33 6.32 8.64 3.58
CA ILE A 33 5.98 9.78 4.40
C ILE A 33 4.83 10.52 3.69
N CYS A 34 4.97 10.74 2.37
CA CYS A 34 3.97 11.46 1.62
C CYS A 34 2.62 10.75 1.62
N ASP A 35 2.63 9.43 1.39
CA ASP A 35 1.41 8.64 1.38
C ASP A 35 0.69 8.74 2.76
N GLN A 36 1.45 8.65 3.83
CA GLN A 36 0.90 8.74 5.18
C GLN A 36 0.32 10.12 5.48
N ILE A 37 1.02 11.16 5.05
CA ILE A 37 0.52 12.52 5.21
C ILE A 37 -0.77 12.75 4.41
N SER A 38 -0.77 12.36 3.14
CA SER A 38 -1.95 12.49 2.29
C SER A 38 -3.16 11.80 2.93
N ASP A 39 -2.95 10.60 3.51
CA ASP A 39 -4.04 9.86 4.15
C ASP A 39 -4.40 10.41 5.53
N ALA A 40 -3.43 10.96 6.23
CA ALA A 40 -3.73 11.76 7.43
C ALA A 40 -4.63 12.96 7.10
N VAL A 41 -4.36 13.63 5.99
CA VAL A 41 -5.16 14.75 5.57
C VAL A 41 -6.57 14.25 5.19
N LEU A 42 -6.62 13.18 4.42
CA LEU A 42 -7.90 12.61 4.09
C LEU A 42 -8.72 12.22 5.37
N ASP A 43 -8.09 11.53 6.29
CA ASP A 43 -8.80 11.11 7.53
C ASP A 43 -9.35 12.33 8.30
N ALA A 44 -8.54 13.39 8.41
CA ALA A 44 -8.95 14.59 9.09
C ALA A 44 -10.22 15.21 8.49
N HIS A 45 -10.32 15.23 7.16
CA HIS A 45 -11.51 15.67 6.49
C HIS A 45 -12.68 14.75 6.75
N LEU A 46 -12.47 13.46 6.62
CA LEU A 46 -13.53 12.49 6.76
C LEU A 46 -14.07 12.43 8.19
N GLN A 47 -13.23 12.74 9.17
CA GLN A 47 -13.65 12.80 10.59
C GLN A 47 -14.79 13.82 10.81
N GLN A 48 -14.78 14.92 10.08
CA GLN A 48 -15.80 15.93 10.20
C GLN A 48 -16.84 15.89 9.06
N ASP A 49 -16.40 15.54 7.85
CA ASP A 49 -17.28 15.55 6.67
C ASP A 49 -17.07 14.25 5.94
N PRO A 50 -17.94 13.26 6.20
CA PRO A 50 -17.86 11.95 5.56
C PRO A 50 -17.92 11.99 4.04
N ASP A 51 -18.46 13.07 3.47
CA ASP A 51 -18.54 13.20 2.01
C ASP A 51 -17.49 14.11 1.40
N ALA A 52 -16.43 14.43 2.15
CA ALA A 52 -15.36 15.27 1.64
C ALA A 52 -14.82 14.70 0.31
N LYS A 53 -14.57 15.56 -0.66
CA LYS A 53 -13.93 15.19 -1.88
C LYS A 53 -12.48 15.56 -1.75
N VAL A 54 -11.60 14.58 -1.79
CA VAL A 54 -10.19 14.77 -1.44
C VAL A 54 -9.28 14.14 -2.46
N ALA A 55 -8.30 14.91 -2.92
CA ALA A 55 -7.30 14.50 -3.88
C ALA A 55 -6.00 15.24 -3.49
N CYS A 56 -5.38 14.74 -2.41
CA CYS A 56 -4.28 15.45 -1.75
C CYS A 56 -2.93 14.77 -2.05
N GLU A 57 -2.10 15.39 -2.87
CA GLU A 57 -0.73 14.93 -3.07
C GLU A 57 0.22 15.65 -2.08
N THR A 58 1.27 14.98 -1.70
CA THR A 58 2.23 15.50 -0.77
C THR A 58 3.56 15.31 -1.45
N VAL A 59 4.44 16.31 -1.29
CA VAL A 59 5.77 16.28 -1.85
C VAL A 59 6.68 16.58 -0.65
N ALA A 60 7.77 15.84 -0.53
CA ALA A 60 8.71 16.01 0.55
C ALA A 60 10.11 16.17 0.00
N LYS A 61 10.80 17.17 0.50
CA LYS A 61 12.23 17.32 0.28
C LYS A 61 12.82 17.96 1.55
N THR A 62 14.12 18.07 1.65
CA THR A 62 14.77 18.61 2.81
C THR A 62 14.04 19.78 3.41
N GLY A 63 13.52 19.56 4.63
CA GLY A 63 12.86 20.61 5.40
C GLY A 63 11.45 20.97 4.96
N MET A 64 10.90 20.29 3.96
CA MET A 64 9.68 20.74 3.32
C MET A 64 8.67 19.64 3.14
N ILE A 65 7.45 19.90 3.57
CA ILE A 65 6.26 19.16 3.19
C ILE A 65 5.34 20.12 2.43
N LEU A 66 5.08 19.82 1.15
CA LEU A 66 4.12 20.60 0.34
C LEU A 66 2.86 19.75 0.07
N LEU A 67 1.68 20.29 0.35
CA LEU A 67 0.40 19.66 -0.04
C LEU A 67 -0.12 20.31 -1.30
N ALA A 68 -0.41 19.52 -2.33
CA ALA A 68 -0.86 20.04 -3.63
C ALA A 68 -2.05 19.23 -4.09
N GLY A 69 -3.10 19.86 -4.60
CA GLY A 69 -4.28 19.06 -5.00
C GLY A 69 -5.55 19.76 -4.70
N GLU A 70 -6.63 19.00 -4.57
CA GLU A 70 -7.98 19.53 -4.62
C GLU A 70 -8.80 18.89 -3.51
N ILE A 71 -9.42 19.73 -2.69
CA ILE A 71 -10.24 19.29 -1.58
C ILE A 71 -11.46 20.19 -1.55
N THR A 72 -12.65 19.58 -1.62
CA THR A 72 -13.90 20.27 -1.32
C THR A 72 -14.52 19.57 -0.14
N SER A 73 -14.69 20.31 0.95
CA SER A 73 -15.11 19.71 2.20
C SER A 73 -15.69 20.74 3.14
N ARG A 74 -16.53 20.29 4.07
CA ARG A 74 -17.08 21.16 5.12
C ARG A 74 -16.23 21.15 6.37
N ALA A 75 -15.23 20.28 6.40
CA ALA A 75 -14.38 20.15 7.57
C ALA A 75 -13.48 21.40 7.77
N ALA A 76 -13.18 21.70 9.01
CA ALA A 76 -12.16 22.72 9.34
C ALA A 76 -10.90 21.99 9.80
N VAL A 77 -9.87 21.97 8.98
CA VAL A 77 -8.72 21.12 9.22
C VAL A 77 -7.52 22.02 9.40
N ASP A 78 -6.77 21.75 10.45
CA ASP A 78 -5.53 22.45 10.70
C ASP A 78 -4.42 21.66 10.05
N TYR A 79 -4.06 22.05 8.81
CA TYR A 79 -3.05 21.31 8.07
C TYR A 79 -1.74 21.26 8.81
N GLN A 80 -1.37 22.33 9.55
CA GLN A 80 -0.07 22.32 10.28
C GLN A 80 0.00 21.17 11.30
N LYS A 81 -1.07 21.05 12.07
CA LYS A 81 -1.20 19.99 13.05
C LYS A 81 -1.22 18.60 12.41
N VAL A 82 -2.09 18.43 11.41
CA VAL A 82 -2.26 17.13 10.78
C VAL A 82 -0.93 16.62 10.18
N VAL A 83 -0.25 17.48 9.44
CA VAL A 83 1.01 17.11 8.83
C VAL A 83 2.07 16.79 9.83
N ARG A 84 2.25 17.72 10.77
CA ARG A 84 3.28 17.57 11.79
C ARG A 84 3.06 16.37 12.71
N GLU A 85 1.81 16.09 13.09
CA GLU A 85 1.55 14.88 13.88
C GLU A 85 1.87 13.57 13.12
N ALA A 86 1.67 13.56 11.79
CA ALA A 86 1.94 12.40 10.98
C ALA A 86 3.46 12.19 10.96
N VAL A 87 4.23 13.27 10.76
CA VAL A 87 5.72 13.18 10.71
C VAL A 87 6.29 12.78 12.08
N LYS A 88 5.70 13.31 13.16
CA LYS A 88 6.01 12.86 14.53
C LYS A 88 5.80 11.35 14.71
N HIS A 89 4.64 10.84 14.26
CA HIS A 89 4.36 9.38 14.38
C HIS A 89 5.40 8.54 13.65
N ILE A 90 5.87 9.02 12.50
CA ILE A 90 6.88 8.34 11.74
C ILE A 90 8.21 8.30 12.47
N GLY A 91 8.50 9.36 13.24
CA GLY A 91 9.71 9.39 14.04
C GLY A 91 10.74 10.45 13.68
N TYR A 92 10.41 11.34 12.77
CA TYR A 92 11.35 12.39 12.37
C TYR A 92 11.12 13.61 13.29
N ASP A 93 11.92 13.67 14.36
CA ASP A 93 11.71 14.61 15.45
C ASP A 93 12.98 15.34 15.91
N ASP A 94 13.99 15.39 15.05
CA ASP A 94 15.20 16.11 15.40
C ASP A 94 16.02 16.32 14.17
N SER A 95 16.68 17.47 14.09
CA SER A 95 17.52 17.79 12.98
C SER A 95 18.68 16.78 12.82
N SER A 96 19.10 16.13 13.91
CA SER A 96 20.10 15.05 13.83
C SER A 96 19.66 13.89 12.95
N LYS A 97 18.34 13.71 12.80
CA LYS A 97 17.81 12.62 11.99
C LYS A 97 17.55 13.03 10.55
N GLY A 98 17.72 14.33 10.24
CA GLY A 98 17.58 14.85 8.92
C GLY A 98 16.25 15.53 8.65
N PHE A 99 15.33 15.45 9.61
CA PHE A 99 13.98 16.00 9.48
C PHE A 99 13.34 16.08 10.85
N ASP A 100 12.53 17.12 11.08
CA ASP A 100 11.89 17.31 12.38
C ASP A 100 10.52 17.91 12.17
N TYR A 101 9.51 17.20 12.62
CA TYR A 101 8.11 17.68 12.56
C TYR A 101 7.90 19.06 13.24
N LYS A 102 8.70 19.36 14.26
CA LYS A 102 8.57 20.60 15.01
C LYS A 102 8.94 21.81 14.19
N THR A 103 9.90 21.65 13.28
CA THR A 103 10.50 22.80 12.66
C THR A 103 10.57 22.76 11.17
N CYS A 104 9.99 21.74 10.53
CA CYS A 104 10.00 21.74 9.05
C CYS A 104 8.99 22.80 8.50
N ASN A 105 9.10 23.13 7.22
CA ASN A 105 8.21 23.96 6.47
C ASN A 105 7.02 23.11 5.99
N VAL A 106 5.81 23.57 6.24
CA VAL A 106 4.57 22.99 5.70
C VAL A 106 3.94 24.05 4.81
N LEU A 107 3.92 23.78 3.52
CA LEU A 107 3.38 24.67 2.49
C LEU A 107 2.13 24.05 1.92
N VAL A 108 1.12 24.83 1.62
CA VAL A 108 -0.15 24.32 1.13
C VAL A 108 -0.59 25.00 -0.19
N ALA A 109 -0.83 24.20 -1.22
CA ALA A 109 -1.31 24.64 -2.52
C ALA A 109 -2.54 23.82 -2.81
N LEU A 110 -3.63 24.08 -2.08
CA LEU A 110 -4.82 23.29 -2.18
C LEU A 110 -5.96 24.15 -2.67
N GLU A 111 -6.69 23.65 -3.64
CA GLU A 111 -7.86 24.35 -4.21
C GLU A 111 -9.07 23.48 -4.06
N GLN A 112 -10.25 24.01 -4.38
CA GLN A 112 -11.43 23.16 -4.41
C GLN A 112 -11.38 22.21 -5.63
N GLN A 113 -12.12 21.14 -5.54
CA GLN A 113 -12.27 20.27 -6.70
C GLN A 113 -12.78 21.06 -7.91
N SER A 114 -12.24 20.80 -9.09
CA SER A 114 -12.77 21.38 -10.30
C SER A 114 -14.30 21.22 -10.41
N PRO A 115 -15.02 22.32 -10.62
CA PRO A 115 -16.49 22.21 -10.79
C PRO A 115 -16.89 21.41 -12.01
N ASP A 116 -16.02 21.35 -13.03
CA ASP A 116 -16.29 20.55 -14.20
C ASP A 116 -16.28 19.05 -13.83
N ILE A 117 -15.33 18.65 -12.98
CA ILE A 117 -15.29 17.29 -12.47
C ILE A 117 -16.49 17.02 -11.59
N ALA A 118 -16.72 17.92 -10.64
CA ALA A 118 -17.79 17.71 -9.70
C ALA A 118 -19.14 17.48 -10.42
N GLN A 119 -19.42 18.31 -11.41
CA GLN A 119 -20.71 18.20 -12.16
C GLN A 119 -20.75 16.89 -12.96
N GLY A 120 -19.60 16.43 -13.45
CA GLY A 120 -19.55 15.20 -14.20
C GLY A 120 -19.69 13.90 -13.40
N VAL A 121 -19.37 13.96 -12.11
CA VAL A 121 -19.15 12.76 -11.31
C VAL A 121 -20.25 12.61 -10.27
N HIS A 122 -20.53 13.66 -9.51
CA HIS A 122 -21.34 13.46 -8.31
C HIS A 122 -22.43 14.48 -8.01
N LEU A 123 -22.34 15.68 -8.56
CA LEU A 123 -23.33 16.69 -8.19
C LEU A 123 -24.70 16.27 -8.70
N ASP A 124 -25.70 16.40 -7.85
CA ASP A 124 -27.07 16.04 -8.16
C ASP A 124 -27.31 14.55 -8.41
N ARG A 125 -26.38 13.68 -8.06
CA ARG A 125 -26.56 12.23 -8.24
C ARG A 125 -26.93 11.56 -6.95
N ASN A 126 -27.82 10.58 -7.06
CA ASN A 126 -28.04 9.63 -6.01
C ASN A 126 -26.72 8.90 -5.68
N GLU A 127 -26.44 8.71 -4.41
CA GLU A 127 -25.10 8.17 -4.02
C GLU A 127 -24.73 6.85 -4.74
N GLU A 128 -25.65 5.88 -4.77
CA GLU A 128 -25.43 4.58 -5.42
C GLU A 128 -25.03 4.71 -6.88
N ASP A 129 -25.53 5.77 -7.50
CA ASP A 129 -25.29 6.04 -8.91
C ASP A 129 -24.28 7.12 -9.21
N ILE A 130 -23.42 7.45 -8.28
CA ILE A 130 -22.38 8.41 -8.59
C ILE A 130 -21.48 7.85 -9.69
N GLY A 131 -20.97 8.72 -10.54
CA GLY A 131 -20.11 8.29 -11.58
C GLY A 131 -18.72 8.00 -10.97
N ALA A 132 -17.95 7.15 -11.65
CA ALA A 132 -16.54 6.97 -11.32
C ALA A 132 -15.90 8.36 -11.30
N GLY A 133 -15.02 8.58 -10.33
CA GLY A 133 -14.32 9.87 -10.26
C GLY A 133 -13.33 10.15 -11.38
N ASP A 134 -13.02 9.11 -12.14
CA ASP A 134 -12.10 9.23 -13.27
C ASP A 134 -12.28 7.98 -14.10
N GLN A 135 -11.69 7.98 -15.31
CA GLN A 135 -11.45 6.73 -16.00
C GLN A 135 -10.33 5.97 -15.32
N GLY A 136 -10.11 4.72 -15.74
CA GLY A 136 -8.95 3.97 -15.31
C GLY A 136 -9.19 2.46 -15.28
N LEU A 137 -8.12 1.75 -15.04
CA LEU A 137 -8.14 0.28 -14.94
C LEU A 137 -7.54 -0.08 -13.59
N MET A 138 -8.03 -1.17 -13.01
CA MET A 138 -7.60 -1.61 -11.67
C MET A 138 -7.60 -3.13 -11.65
N PHE A 139 -6.57 -3.69 -11.00
CA PHE A 139 -6.50 -5.15 -10.77
C PHE A 139 -6.61 -5.52 -9.30
N GLY A 140 -7.13 -6.72 -9.07
CA GLY A 140 -7.15 -7.36 -7.74
C GLY A 140 -6.42 -8.69 -7.93
N TYR A 141 -5.73 -9.16 -6.90
CA TYR A 141 -4.93 -10.38 -6.98
C TYR A 141 -5.03 -11.05 -5.63
N ALA A 142 -5.06 -12.38 -5.67
CA ALA A 142 -4.93 -13.17 -4.44
C ALA A 142 -4.28 -14.54 -4.82
N THR A 143 -3.55 -15.06 -3.86
CA THR A 143 -2.74 -16.26 -4.01
C THR A 143 -2.79 -17.03 -2.66
N ASP A 144 -2.92 -18.35 -2.75
CA ASP A 144 -3.08 -19.19 -1.56
C ASP A 144 -1.74 -19.54 -0.97
N GLU A 145 -0.66 -19.01 -1.50
CA GLU A 145 0.63 -19.32 -0.96
C GLU A 145 0.88 -18.89 0.50
N THR A 146 0.11 -17.93 1.00
CA THR A 146 0.21 -17.46 2.42
C THR A 146 -1.16 -17.36 3.02
N GLU A 147 -1.25 -17.31 4.35
CA GLU A 147 -2.56 -17.13 5.00
C GLU A 147 -3.13 -15.76 4.64
N GLU A 148 -2.28 -14.77 4.46
CA GLU A 148 -2.77 -13.43 4.11
C GLU A 148 -3.27 -13.33 2.63
N CYS A 149 -3.23 -14.44 1.87
CA CYS A 149 -3.52 -14.49 0.45
C CYS A 149 -2.68 -13.54 -0.38
N MET A 150 -1.42 -13.36 0.03
CA MET A 150 -0.51 -12.45 -0.64
C MET A 150 0.77 -13.18 -1.01
N PRO A 151 1.49 -12.63 -2.01
CA PRO A 151 2.79 -13.19 -2.32
C PRO A 151 3.78 -13.21 -1.12
N LEU A 152 4.50 -14.31 -0.94
CA LEU A 152 5.44 -14.40 0.22
C LEU A 152 6.56 -13.34 0.12
N THR A 153 6.99 -13.08 -1.09
CA THR A 153 8.07 -12.13 -1.35
C THR A 153 7.74 -10.74 -0.72
N ILE A 154 6.51 -10.27 -0.94
CA ILE A 154 6.12 -8.96 -0.45
C ILE A 154 5.77 -8.98 1.03
N VAL A 155 5.18 -10.06 1.49
CA VAL A 155 4.83 -10.20 2.89
C VAL A 155 6.13 -10.15 3.72
N LEU A 156 7.12 -10.92 3.29
CA LEU A 156 8.40 -10.88 4.00
C LEU A 156 9.05 -9.49 3.95
N ALA A 157 9.05 -8.86 2.77
CA ALA A 157 9.64 -7.53 2.66
C ALA A 157 8.96 -6.53 3.63
N HIS A 158 7.63 -6.54 3.71
CA HIS A 158 6.93 -5.67 4.61
C HIS A 158 7.28 -5.96 6.08
N LYS A 159 7.28 -7.24 6.47
CA LYS A 159 7.58 -7.59 7.85
C LYS A 159 9.02 -7.20 8.27
N LEU A 160 9.98 -7.26 7.34
CA LEU A 160 11.33 -6.82 7.63
C LEU A 160 11.36 -5.30 7.98
N ASN A 161 10.65 -4.49 7.20
CA ASN A 161 10.51 -3.08 7.54
C ASN A 161 9.78 -2.87 8.87
N ALA A 162 8.73 -3.64 9.14
CA ALA A 162 7.98 -3.49 10.40
C ALA A 162 8.84 -3.83 11.60
N LYS A 163 9.66 -4.84 11.44
CA LYS A 163 10.61 -5.24 12.52
C LYS A 163 11.65 -4.13 12.80
N LEU A 164 12.15 -3.52 11.73
CA LEU A 164 13.01 -2.34 11.88
C LEU A 164 12.34 -1.24 12.74
N ALA A 165 11.09 -0.92 12.44
CA ALA A 165 10.39 0.11 13.12
C ALA A 165 10.18 -0.27 14.60
N GLU A 166 9.83 -1.55 14.83
CA GLU A 166 9.64 -2.04 16.17
C GLU A 166 10.91 -1.88 17.01
N LEU A 167 12.03 -2.28 16.43
CA LEU A 167 13.28 -2.26 17.17
C LEU A 167 13.80 -0.86 17.39
N ARG A 168 13.48 0.04 16.46
CA ARG A 168 13.80 1.45 16.64
C ARG A 168 12.96 2.00 17.80
N ARG A 169 11.65 1.79 17.73
CA ARG A 169 10.71 2.33 18.67
C ARG A 169 10.90 1.81 20.09
N ASN A 170 11.19 0.53 20.24
CA ASN A 170 11.39 -0.03 21.59
C ASN A 170 12.81 0.18 22.16
N GLY A 171 13.71 0.81 21.42
CA GLY A 171 15.04 1.13 21.91
C GLY A 171 16.08 0.04 21.86
N THR A 172 15.78 -1.11 21.24
CA THR A 172 16.73 -2.20 21.05
C THR A 172 17.90 -1.79 20.13
N LEU A 173 17.57 -1.08 19.04
CA LEU A 173 18.56 -0.62 18.08
C LEU A 173 18.42 0.89 17.92
N PRO A 174 18.95 1.66 18.89
CA PRO A 174 18.63 3.07 18.94
C PRO A 174 19.38 3.88 17.90
N TRP A 175 20.36 3.26 17.25
CA TRP A 175 21.01 3.84 16.08
C TRP A 175 20.16 3.88 14.79
N LEU A 176 19.06 3.18 14.77
CA LEU A 176 18.17 3.19 13.62
C LEU A 176 17.43 4.51 13.46
N ARG A 177 17.16 4.84 12.21
N ARG A 177 17.16 4.84 12.20
CA ARG A 177 16.37 5.99 11.82
CA ARG A 177 16.37 5.99 11.82
C ARG A 177 15.12 5.49 11.10
C ARG A 177 15.12 5.49 11.10
N PRO A 178 14.26 6.39 10.62
CA PRO A 178 13.01 5.88 10.03
C PRO A 178 12.99 5.39 8.57
N ASP A 179 13.90 5.90 7.77
CA ASP A 179 13.98 5.55 6.37
C ASP A 179 14.65 4.18 6.19
N SER A 180 13.94 3.25 5.53
CA SER A 180 14.47 1.91 5.27
C SER A 180 13.88 1.34 3.98
N LYS A 181 14.60 0.41 3.38
CA LYS A 181 14.13 -0.37 2.23
C LYS A 181 14.54 -1.79 2.40
N THR A 182 13.68 -2.70 1.92
CA THR A 182 13.99 -4.12 1.92
C THR A 182 13.58 -4.77 0.61
N GLN A 183 14.20 -5.90 0.30
CA GLN A 183 13.92 -6.63 -0.92
C GLN A 183 14.19 -8.10 -0.69
N VAL A 184 13.24 -8.91 -1.07
CA VAL A 184 13.31 -10.34 -0.89
C VAL A 184 13.09 -11.06 -2.23
N THR A 185 14.01 -11.98 -2.55
CA THR A 185 13.91 -12.89 -3.71
C THR A 185 13.60 -14.31 -3.16
N VAL A 186 12.47 -14.90 -3.59
CA VAL A 186 12.13 -16.24 -3.20
C VAL A 186 12.29 -17.12 -4.44
N GLN A 187 12.78 -18.33 -4.22
CA GLN A 187 12.77 -19.40 -5.16
C GLN A 187 11.53 -20.23 -4.98
N TYR A 188 10.79 -20.40 -6.09
CA TYR A 188 9.47 -21.03 -6.12
C TYR A 188 9.46 -22.24 -7.03
N MET A 189 8.51 -23.14 -6.82
CA MET A 189 8.12 -24.04 -7.90
C MET A 189 6.66 -23.75 -8.21
N GLN A 190 6.14 -24.25 -9.32
CA GLN A 190 4.72 -24.05 -9.63
C GLN A 190 4.05 -25.39 -9.57
N ASP A 191 2.75 -25.39 -9.34
CA ASP A 191 1.94 -26.61 -9.33
C ASP A 191 0.61 -26.24 -9.99
N ARG A 192 0.46 -26.63 -11.25
CA ARG A 192 -0.80 -26.47 -11.96
C ARG A 192 -1.26 -24.97 -11.91
N GLY A 193 -0.28 -24.09 -12.10
CA GLY A 193 -0.49 -22.65 -12.03
C GLY A 193 -0.47 -21.96 -10.65
N ALA A 194 -0.58 -22.71 -9.56
CA ALA A 194 -0.32 -22.18 -8.23
C ALA A 194 1.17 -22.10 -8.04
N VAL A 195 1.62 -21.28 -7.09
CA VAL A 195 3.05 -21.16 -6.81
C VAL A 195 3.31 -21.61 -5.37
N LEU A 196 4.46 -22.23 -5.19
CA LEU A 196 4.86 -22.87 -3.93
C LEU A 196 6.26 -22.35 -3.57
N PRO A 197 6.35 -21.54 -2.54
CA PRO A 197 7.67 -21.06 -2.13
C PRO A 197 8.54 -22.18 -1.60
N ILE A 198 9.80 -22.24 -2.00
CA ILE A 198 10.75 -23.22 -1.51
C ILE A 198 11.74 -22.63 -0.47
N ARG A 199 12.38 -21.51 -0.82
CA ARG A 199 13.42 -20.90 0.00
C ARG A 199 13.62 -19.42 -0.39
N VAL A 200 14.16 -18.70 0.58
CA VAL A 200 14.60 -17.32 0.33
C VAL A 200 15.97 -17.41 -0.30
N HIS A 201 16.07 -16.84 -1.49
CA HIS A 201 17.31 -16.82 -2.25
C HIS A 201 18.24 -15.64 -1.88
N THR A 202 17.66 -14.43 -1.80
CA THR A 202 18.39 -13.20 -1.53
C THR A 202 17.55 -12.23 -0.69
N ILE A 203 18.20 -11.58 0.28
CA ILE A 203 17.59 -10.50 1.07
C ILE A 203 18.49 -9.26 0.99
N VAL A 204 17.88 -8.12 0.69
CA VAL A 204 18.55 -6.81 0.77
C VAL A 204 17.87 -6.03 1.87
N ILE A 205 18.68 -5.40 2.73
CA ILE A 205 18.17 -4.40 3.71
C ILE A 205 19.08 -3.18 3.69
N SER A 206 18.47 -2.02 3.49
CA SER A 206 19.20 -0.73 3.63
C SER A 206 18.40 0.10 4.63
N VAL A 207 19.06 0.62 5.66
CA VAL A 207 18.33 1.42 6.68
C VAL A 207 19.21 2.59 7.16
N GLN A 208 18.55 3.75 7.31
CA GLN A 208 19.21 4.94 7.75
C GLN A 208 19.70 4.78 9.18
N HIS A 209 20.83 5.37 9.51
CA HIS A 209 21.46 5.13 10.79
C HIS A 209 22.21 6.36 11.29
N ASP A 210 22.56 6.30 12.58
CA ASP A 210 23.30 7.40 13.19
C ASP A 210 24.77 7.31 12.84
N GLU A 211 25.45 8.35 13.22
CA GLU A 211 26.84 8.58 12.84
C GLU A 211 27.79 7.72 13.66
N GLU A 212 27.34 7.21 14.80
CA GLU A 212 28.21 6.51 15.76
C GLU A 212 28.40 5.00 15.50
N VAL A 213 27.37 4.32 14.95
CA VAL A 213 27.37 2.85 14.84
C VAL A 213 28.24 2.44 13.65
N CYS A 214 29.02 1.37 13.81
CA CYS A 214 29.80 0.91 12.70
C CYS A 214 29.04 -0.14 11.88
N LEU A 215 29.54 -0.35 10.67
CA LEU A 215 28.88 -1.17 9.70
C LEU A 215 28.77 -2.65 10.15
N ASP A 216 29.78 -3.20 10.85
CA ASP A 216 29.73 -4.58 11.26
C ASP A 216 28.69 -4.80 12.31
N GLU A 217 28.53 -3.82 13.20
CA GLU A 217 27.48 -3.92 14.23
C GLU A 217 26.12 -3.90 13.57
N MET A 218 25.95 -3.00 12.62
CA MET A 218 24.67 -2.94 11.85
C MET A 218 24.39 -4.24 11.11
N ARG A 219 25.39 -4.79 10.41
CA ARG A 219 25.16 -5.98 9.59
C ARG A 219 24.82 -7.19 10.49
N ASP A 220 25.55 -7.33 11.58
CA ASP A 220 25.24 -8.35 12.56
C ASP A 220 23.80 -8.22 13.13
N ALA A 221 23.39 -7.01 13.49
CA ALA A 221 22.08 -6.78 14.03
C ALA A 221 21.00 -7.06 12.97
N LEU A 222 21.25 -6.65 11.73
CA LEU A 222 20.24 -6.89 10.65
C LEU A 222 20.07 -8.39 10.42
N LYS A 223 21.15 -9.15 10.51
CA LYS A 223 21.01 -10.60 10.36
C LYS A 223 20.29 -11.25 11.58
N GLU A 224 20.78 -10.96 12.78
CA GLU A 224 20.36 -11.69 13.99
C GLU A 224 19.11 -11.18 14.61
N LYS A 225 18.91 -9.86 14.61
CA LYS A 225 17.76 -9.25 15.23
C LYS A 225 16.60 -8.95 14.29
N VAL A 226 16.84 -8.91 12.98
CA VAL A 226 15.78 -8.55 12.05
C VAL A 226 15.41 -9.75 11.18
N ILE A 227 16.33 -10.17 10.32
CA ILE A 227 16.06 -11.29 9.38
C ILE A 227 15.65 -12.58 10.14
N LYS A 228 16.43 -12.94 11.14
CA LYS A 228 16.14 -14.17 11.92
C LYS A 228 14.89 -14.07 12.72
N ALA A 229 14.49 -12.85 13.07
CA ALA A 229 13.26 -12.66 13.79
C ALA A 229 12.05 -12.69 12.92
N VAL A 230 12.21 -12.59 11.60
CA VAL A 230 11.07 -12.41 10.69
C VAL A 230 10.88 -13.61 9.74
N VAL A 231 11.96 -14.12 9.18
CA VAL A 231 11.86 -15.09 8.11
C VAL A 231 11.84 -16.50 8.75
N PRO A 232 10.77 -17.28 8.54
CA PRO A 232 10.76 -18.69 9.01
C PRO A 232 12.03 -19.41 8.59
N ALA A 233 12.68 -20.11 9.53
CA ALA A 233 14.02 -20.71 9.31
C ALA A 233 14.04 -21.81 8.23
N LYS A 234 12.89 -22.43 8.00
CA LYS A 234 12.74 -23.40 6.90
C LYS A 234 13.07 -22.75 5.54
N TYR A 235 12.84 -21.43 5.41
CA TYR A 235 13.12 -20.72 4.14
C TYR A 235 14.57 -20.24 4.00
N LEU A 236 15.34 -20.25 5.10
CA LEU A 236 16.74 -19.84 5.07
C LEU A 236 17.63 -21.04 5.11
N ASP A 237 18.71 -21.00 4.34
CA ASP A 237 19.75 -22.00 4.37
C ASP A 237 21.09 -21.35 4.19
N GLU A 238 22.11 -22.20 4.10
CA GLU A 238 23.47 -21.74 3.89
C GLU A 238 23.76 -21.02 2.58
N ASP A 239 22.93 -21.18 1.55
CA ASP A 239 23.18 -20.48 0.28
C ASP A 239 22.40 -19.15 0.15
N THR A 240 21.60 -18.80 1.15
CA THR A 240 20.86 -17.51 1.13
C THR A 240 21.87 -16.38 1.04
N ILE A 241 21.63 -15.44 0.12
CA ILE A 241 22.51 -14.31 -0.09
C ILE A 241 21.98 -13.10 0.68
N TYR A 242 22.85 -12.45 1.45
CA TYR A 242 22.45 -11.27 2.23
C TYR A 242 23.19 -10.04 1.73
N HIS A 243 22.45 -8.96 1.42
CA HIS A 243 23.06 -7.67 1.07
C HIS A 243 22.55 -6.71 2.10
N LEU A 244 23.32 -6.54 3.15
CA LEU A 244 22.95 -5.76 4.34
C LEU A 244 23.78 -4.50 4.37
N GLN A 245 23.08 -3.36 4.44
CA GLN A 245 23.71 -2.03 4.21
C GLN A 245 24.71 -2.05 3.05
N PRO A 246 24.29 -2.52 1.86
CA PRO A 246 25.20 -2.66 0.72
C PRO A 246 25.82 -1.38 0.24
N SER A 247 25.20 -0.22 0.51
CA SER A 247 25.84 1.06 0.18
C SER A 247 27.06 1.40 1.04
N GLY A 248 27.17 0.82 2.23
CA GLY A 248 28.28 1.10 3.14
C GLY A 248 28.04 2.24 4.12
N ARG A 249 27.12 3.16 3.79
CA ARG A 249 26.86 4.34 4.65
C ARG A 249 25.50 4.95 4.23
N PHE A 250 24.66 5.17 5.22
CA PHE A 250 23.29 5.67 5.02
C PHE A 250 22.93 6.55 6.25
N VAL A 251 23.70 7.63 6.43
CA VAL A 251 23.47 8.59 7.51
C VAL A 251 22.45 9.65 7.06
N ILE A 252 22.66 10.18 5.88
CA ILE A 252 21.70 11.10 5.23
C ILE A 252 20.52 10.27 4.74
N GLY A 253 19.31 10.62 5.15
CA GLY A 253 18.17 9.86 4.72
C GLY A 253 16.92 10.67 4.84
N GLY A 254 15.78 10.01 4.67
CA GLY A 254 14.48 10.69 4.61
C GLY A 254 14.46 11.66 3.44
N PRO A 255 13.61 12.69 3.52
CA PRO A 255 13.53 13.66 2.42
C PRO A 255 14.82 14.40 2.08
N GLN A 256 15.73 14.54 3.03
CA GLN A 256 17.08 15.05 2.74
C GLN A 256 17.89 14.19 1.79
N GLY A 257 17.76 12.88 1.87
CA GLY A 257 18.49 12.02 0.92
C GLY A 257 17.85 11.86 -0.46
N ASP A 258 16.54 12.05 -0.55
CA ASP A 258 15.79 11.65 -1.70
C ASP A 258 14.38 12.27 -1.61
N ALA A 259 13.93 12.92 -2.68
CA ALA A 259 12.58 13.46 -2.73
C ALA A 259 11.49 12.40 -2.63
N GLY A 260 10.41 12.78 -1.91
CA GLY A 260 9.24 11.96 -1.75
C GLY A 260 8.03 12.56 -2.47
N LEU A 261 7.20 11.69 -3.01
CA LEU A 261 5.94 12.04 -3.64
C LEU A 261 4.89 11.06 -3.18
N THR A 262 3.65 11.50 -3.11
CA THR A 262 2.53 10.58 -2.88
C THR A 262 2.32 9.76 -4.13
N GLY A 263 1.98 8.48 -3.95
CA GLY A 263 1.66 7.64 -5.09
C GLY A 263 2.88 7.14 -5.84
N ALA A 264 4.05 7.14 -5.19
CA ALA A 264 5.28 6.75 -5.82
C ALA A 264 5.71 5.35 -5.34
N LYS A 265 4.80 4.65 -4.66
CA LYS A 265 5.06 3.33 -4.11
C LYS A 265 3.90 2.39 -4.43
N ILE A 266 3.37 2.52 -5.64
CA ILE A 266 2.12 1.78 -5.96
C ILE A 266 2.30 0.24 -5.98
N ILE A 267 3.51 -0.23 -6.26
CA ILE A 267 3.80 -1.68 -6.32
C ILE A 267 4.04 -2.22 -4.91
N VAL A 268 4.80 -1.49 -4.11
CA VAL A 268 4.88 -1.73 -2.66
C VAL A 268 3.51 -1.76 -1.98
N ASP A 269 2.60 -0.90 -2.42
CA ASP A 269 1.30 -0.79 -1.82
C ASP A 269 0.38 -1.97 -2.13
N THR A 270 0.71 -2.76 -3.15
CA THR A 270 -0.17 -3.75 -3.71
C THR A 270 0.53 -5.12 -3.68
N TYR A 271 1.05 -5.60 -4.80
CA TYR A 271 1.32 -7.01 -4.95
C TYR A 271 2.80 -7.30 -5.23
N GLY A 272 3.66 -6.27 -5.14
CA GLY A 272 5.11 -6.55 -5.17
C GLY A 272 5.61 -7.08 -6.50
N GLY A 273 4.88 -6.76 -7.59
CA GLY A 273 5.29 -7.24 -8.93
C GLY A 273 4.43 -8.41 -9.43
N TRP A 274 3.74 -9.10 -8.53
CA TRP A 274 2.85 -10.15 -8.91
C TRP A 274 1.55 -9.57 -9.42
N GLY A 275 0.80 -10.39 -10.13
CA GLY A 275 -0.47 -9.96 -10.69
C GLY A 275 -0.20 -8.87 -11.74
N ALA A 276 -0.78 -7.69 -11.54
CA ALA A 276 -0.69 -6.59 -12.46
C ALA A 276 -1.10 -5.32 -11.71
N HIS A 277 -0.90 -4.17 -12.35
CA HIS A 277 -1.32 -2.90 -11.80
C HIS A 277 -1.81 -2.00 -12.95
N GLY A 278 -2.91 -1.30 -12.70
CA GLY A 278 -3.52 -0.40 -13.67
C GLY A 278 -3.01 1.03 -13.64
N GLY A 279 -2.27 1.34 -12.59
CA GLY A 279 -1.55 2.60 -12.45
C GLY A 279 -2.10 3.57 -11.41
N GLY A 280 -3.23 3.23 -10.79
N GLY A 280 -3.21 3.23 -10.77
CA GLY A 280 -3.87 4.09 -9.81
CA GLY A 280 -3.89 4.13 -9.84
C GLY A 280 -3.12 4.06 -8.48
C GLY A 280 -3.34 4.09 -8.42
N ALA A 281 -2.86 5.23 -7.93
CA ALA A 281 -2.34 5.34 -6.55
C ALA A 281 -3.52 5.48 -5.61
N PHE A 282 -3.33 5.11 -4.36
CA PHE A 282 -4.38 5.13 -3.38
C PHE A 282 -4.45 6.36 -2.48
N SER A 283 -3.31 6.79 -1.98
CA SER A 283 -3.31 7.68 -0.82
C SER A 283 -3.75 9.05 -1.17
N GLY A 284 -4.44 9.67 -0.23
CA GLY A 284 -5.00 11.02 -0.39
C GLY A 284 -6.26 11.12 -1.19
N LYS A 285 -6.93 9.99 -1.48
CA LYS A 285 -8.17 10.00 -2.29
C LYS A 285 -9.38 9.44 -1.53
N ASP A 286 -10.51 10.13 -1.61
CA ASP A 286 -11.77 9.60 -1.09
C ASP A 286 -12.32 8.51 -2.03
N TYR A 287 -13.38 7.84 -1.58
CA TYR A 287 -13.92 6.69 -2.30
C TYR A 287 -14.40 6.94 -3.72
N THR A 288 -14.77 8.18 -4.09
CA THR A 288 -15.24 8.45 -5.44
C THR A 288 -14.11 8.29 -6.44
N LYS A 289 -12.88 8.30 -5.96
CA LYS A 289 -11.75 7.98 -6.81
C LYS A 289 -11.66 6.45 -6.88
N VAL A 290 -12.06 5.89 -8.03
CA VAL A 290 -12.06 4.46 -8.24
C VAL A 290 -10.66 3.85 -8.22
N ASP A 291 -9.60 4.65 -8.41
CA ASP A 291 -8.23 4.19 -8.20
C ASP A 291 -8.13 3.53 -6.84
N ARG A 292 -8.84 4.08 -5.87
CA ARG A 292 -8.84 3.52 -4.56
C ARG A 292 -9.98 2.52 -4.36
N SER A 293 -11.21 2.96 -4.49
CA SER A 293 -12.34 2.11 -4.15
C SER A 293 -12.42 0.84 -5.01
N ALA A 294 -12.20 0.96 -6.32
CA ALA A 294 -12.31 -0.22 -7.20
C ALA A 294 -11.12 -1.16 -7.01
N ALA A 295 -9.94 -0.64 -6.70
CA ALA A 295 -8.82 -1.54 -6.40
C ALA A 295 -9.07 -2.33 -5.13
N TYR A 296 -9.62 -1.65 -4.12
CA TYR A 296 -9.98 -2.33 -2.90
C TYR A 296 -11.06 -3.42 -3.15
N ALA A 297 -12.09 -3.05 -3.90
CA ALA A 297 -13.11 -4.03 -4.29
C ALA A 297 -12.56 -5.20 -5.10
N ALA A 298 -11.64 -4.92 -6.03
CA ALA A 298 -11.03 -5.95 -6.81
C ALA A 298 -10.21 -6.93 -5.96
N ARG A 299 -9.42 -6.43 -5.02
CA ARG A 299 -8.78 -7.29 -4.04
C ARG A 299 -9.80 -8.15 -3.28
N TRP A 300 -10.89 -7.54 -2.90
CA TRP A 300 -11.94 -8.22 -2.16
C TRP A 300 -12.57 -9.36 -2.97
N VAL A 301 -12.78 -9.12 -4.26
CA VAL A 301 -13.25 -10.14 -5.21
C VAL A 301 -12.27 -11.28 -5.31
N ALA A 302 -11.02 -10.91 -5.55
CA ALA A 302 -9.99 -11.92 -5.74
C ALA A 302 -9.83 -12.80 -4.50
N LYS A 303 -9.79 -12.16 -3.34
CA LYS A 303 -9.69 -12.86 -2.06
C LYS A 303 -10.90 -13.73 -1.80
N SER A 304 -12.09 -13.23 -2.17
CA SER A 304 -13.30 -14.01 -2.01
C SER A 304 -13.28 -15.27 -2.87
N LEU A 305 -12.72 -15.17 -4.08
CA LEU A 305 -12.65 -16.33 -4.99
C LEU A 305 -11.72 -17.40 -4.41
N VAL A 306 -10.58 -16.98 -3.88
CA VAL A 306 -9.58 -17.92 -3.36
C VAL A 306 -10.06 -18.53 -2.06
N LYS A 307 -10.47 -17.72 -1.10
CA LYS A 307 -10.94 -18.23 0.21
C LYS A 307 -12.23 -19.02 0.10
N GLY A 308 -13.02 -18.76 -0.95
CA GLY A 308 -14.17 -19.58 -1.30
C GLY A 308 -13.87 -20.92 -1.97
N GLY A 309 -12.59 -21.24 -2.18
CA GLY A 309 -12.15 -22.45 -2.81
C GLY A 309 -12.42 -22.60 -4.30
N LEU A 310 -12.65 -21.49 -5.03
CA LEU A 310 -12.92 -21.53 -6.46
C LEU A 310 -11.64 -21.44 -7.27
N CYS A 311 -10.56 -20.99 -6.67
CA CYS A 311 -9.24 -21.03 -7.32
C CYS A 311 -8.16 -20.89 -6.29
N ARG A 312 -6.96 -21.14 -6.69
CA ARG A 312 -5.82 -20.99 -5.82
C ARG A 312 -5.13 -19.65 -6.03
N ARG A 313 -5.21 -19.12 -7.25
CA ARG A 313 -4.56 -17.86 -7.60
C ARG A 313 -5.45 -17.21 -8.61
N VAL A 314 -5.59 -15.90 -8.55
CA VAL A 314 -6.52 -15.20 -9.48
C VAL A 314 -6.17 -13.72 -9.65
N LEU A 315 -6.31 -13.23 -10.89
CA LEU A 315 -6.16 -11.82 -11.23
C LEU A 315 -7.49 -11.35 -11.78
N VAL A 316 -7.97 -10.22 -11.27
CA VAL A 316 -9.23 -9.56 -11.61
C VAL A 316 -8.89 -8.19 -12.22
N GLN A 317 -9.37 -7.88 -13.43
CA GLN A 317 -9.31 -6.51 -13.92
C GLN A 317 -10.70 -5.91 -13.97
N VAL A 318 -10.82 -4.63 -13.59
CA VAL A 318 -11.99 -3.85 -13.84
C VAL A 318 -11.53 -2.52 -14.50
N SER A 319 -12.46 -1.82 -15.14
CA SER A 319 -12.13 -0.50 -15.66
C SER A 319 -13.38 0.37 -15.70
N TYR A 320 -13.13 1.70 -15.73
CA TYR A 320 -14.19 2.71 -15.61
C TYR A 320 -14.00 3.84 -16.60
N ALA A 321 -15.08 4.58 -16.81
CA ALA A 321 -15.02 5.91 -17.42
C ALA A 321 -15.54 6.96 -16.45
N ILE A 322 -14.91 8.16 -16.48
CA ILE A 322 -15.36 9.26 -15.62
C ILE A 322 -16.85 9.55 -15.86
N GLY A 323 -17.60 9.66 -14.78
CA GLY A 323 -18.97 9.99 -14.87
C GLY A 323 -19.89 8.82 -15.06
N VAL A 324 -19.34 7.63 -15.31
CA VAL A 324 -20.15 6.43 -15.52
C VAL A 324 -20.02 5.54 -14.28
N SER A 325 -21.14 5.07 -13.74
CA SER A 325 -21.13 4.39 -12.47
C SER A 325 -20.68 2.93 -12.56
N HIS A 326 -21.10 2.23 -13.62
CA HIS A 326 -20.81 0.78 -13.76
C HIS A 326 -19.47 0.63 -14.44
N PRO A 327 -18.75 -0.44 -14.11
CA PRO A 327 -17.53 -0.73 -14.81
C PRO A 327 -17.74 -0.98 -16.28
N LEU A 328 -16.75 -0.61 -17.09
CA LEU A 328 -16.76 -0.86 -18.52
C LEU A 328 -16.38 -2.30 -18.95
N SER A 329 -15.51 -2.92 -18.17
CA SER A 329 -14.98 -4.26 -18.46
C SER A 329 -14.72 -4.90 -17.11
N ILE A 330 -15.01 -6.20 -17.00
CA ILE A 330 -14.52 -7.07 -15.92
C ILE A 330 -13.83 -8.29 -16.54
N SER A 331 -12.65 -8.68 -16.04
CA SER A 331 -11.96 -9.86 -16.54
C SER A 331 -11.37 -10.67 -15.39
N ILE A 332 -11.38 -12.00 -15.53
CA ILE A 332 -10.90 -12.87 -14.46
C ILE A 332 -9.90 -13.84 -15.10
N PHE A 333 -8.75 -13.94 -14.51
CA PHE A 333 -7.70 -14.86 -14.96
C PHE A 333 -7.25 -15.76 -13.80
N HIS A 334 -7.42 -17.08 -13.91
CA HIS A 334 -7.17 -17.99 -12.77
C HIS A 334 -5.91 -18.80 -12.88
N TYR A 335 -5.10 -18.54 -13.91
CA TYR A 335 -3.80 -19.15 -14.08
C TYR A 335 -3.86 -20.68 -14.22
N GLY A 336 -5.05 -21.19 -14.50
CA GLY A 336 -5.32 -22.63 -14.57
C GLY A 336 -5.56 -23.29 -13.22
N THR A 337 -5.83 -22.52 -12.15
CA THR A 337 -5.90 -23.03 -10.80
C THR A 337 -7.33 -23.34 -10.35
N SER A 338 -8.27 -23.42 -11.31
CA SER A 338 -9.67 -23.74 -11.03
C SER A 338 -10.13 -24.78 -12.01
N GLN A 339 -11.10 -25.55 -11.57
CA GLN A 339 -11.82 -26.45 -12.46
C GLN A 339 -12.88 -25.67 -13.21
N LYS A 340 -13.33 -24.54 -12.64
CA LYS A 340 -14.25 -23.69 -13.34
C LYS A 340 -13.56 -22.93 -14.45
N SER A 341 -14.29 -22.65 -15.51
CA SER A 341 -13.72 -21.81 -16.56
C SER A 341 -13.61 -20.34 -16.05
N GLU A 342 -12.80 -19.55 -16.72
CA GLU A 342 -12.72 -18.12 -16.37
C GLU A 342 -14.04 -17.41 -16.60
N ARG A 343 -14.74 -17.78 -17.68
CA ARG A 343 -16.08 -17.25 -17.91
C ARG A 343 -17.06 -17.61 -16.77
N GLU A 344 -16.96 -18.81 -16.20
CA GLU A 344 -17.84 -19.18 -15.03
C GLU A 344 -17.51 -18.34 -13.80
N LEU A 345 -16.22 -18.10 -13.56
CA LEU A 345 -15.84 -17.25 -12.43
C LEU A 345 -16.36 -15.84 -12.63
N LEU A 346 -16.28 -15.35 -13.87
CA LEU A 346 -16.83 -14.04 -14.19
C LEU A 346 -18.32 -13.95 -13.92
N GLU A 347 -19.10 -14.97 -14.30
CA GLU A 347 -20.53 -15.03 -13.97
C GLU A 347 -20.77 -15.06 -12.46
N ILE A 348 -19.92 -15.75 -11.72
CA ILE A 348 -20.05 -15.73 -10.25
C ILE A 348 -19.79 -14.31 -9.69
N VAL A 349 -18.78 -13.65 -10.22
CA VAL A 349 -18.42 -12.28 -9.71
C VAL A 349 -19.59 -11.31 -10.00
N LYS A 350 -20.10 -11.39 -11.23
CA LYS A 350 -21.21 -10.55 -11.64
C LYS A 350 -22.48 -10.77 -10.83
N LYS A 351 -22.73 -12.01 -10.43
CA LYS A 351 -23.87 -12.35 -9.56
C LYS A 351 -23.73 -11.84 -8.14
N ASN A 352 -22.50 -11.75 -7.63
CA ASN A 352 -22.26 -11.55 -6.23
C ASN A 352 -21.76 -10.14 -5.83
N PHE A 353 -21.21 -9.43 -6.79
CA PHE A 353 -20.68 -8.08 -6.53
C PHE A 353 -21.31 -6.98 -7.40
N ASP A 354 -21.41 -5.81 -6.82
CA ASP A 354 -21.86 -4.59 -7.50
C ASP A 354 -20.70 -3.60 -7.34
N LEU A 355 -19.97 -3.44 -8.43
CA LEU A 355 -18.75 -2.65 -8.45
C LEU A 355 -18.93 -1.20 -8.88
N ARG A 356 -20.10 -0.63 -8.66
CA ARG A 356 -20.26 0.80 -8.70
C ARG A 356 -19.64 1.46 -7.44
N PRO A 357 -18.96 2.61 -7.58
CA PRO A 357 -18.31 3.21 -6.38
C PRO A 357 -19.27 3.60 -5.27
N GLY A 358 -20.47 3.99 -5.65
CA GLY A 358 -21.48 4.29 -4.70
C GLY A 358 -22.10 3.13 -3.98
N VAL A 359 -21.78 1.92 -4.41
CA VAL A 359 -22.15 0.72 -3.70
C VAL A 359 -20.98 0.16 -2.94
N ILE A 360 -19.81 0.13 -3.59
CA ILE A 360 -18.59 -0.30 -2.87
C ILE A 360 -18.42 0.49 -1.57
N VAL A 361 -18.72 1.77 -1.57
CA VAL A 361 -18.53 2.61 -0.37
C VAL A 361 -19.33 2.06 0.80
N ARG A 362 -20.51 1.54 0.52
CA ARG A 362 -21.34 0.93 1.56
C ARG A 362 -20.80 -0.43 1.98
N ASP A 363 -20.43 -1.28 1.03
CA ASP A 363 -19.91 -2.62 1.34
C ASP A 363 -18.61 -2.61 2.13
N LEU A 364 -17.74 -1.63 1.82
CA LEU A 364 -16.42 -1.55 2.40
C LEU A 364 -16.26 -0.44 3.44
N ASP A 365 -17.34 0.29 3.72
CA ASP A 365 -17.38 1.38 4.69
C ASP A 365 -16.28 2.43 4.45
N LEU A 366 -16.19 2.93 3.20
CA LEU A 366 -15.06 3.72 2.79
C LEU A 366 -15.17 5.21 3.15
N LYS A 367 -16.22 5.63 3.86
CA LYS A 367 -16.21 6.95 4.42
C LYS A 367 -15.54 7.01 5.81
N LYS A 368 -15.17 5.87 6.37
CA LYS A 368 -14.52 5.85 7.68
C LYS A 368 -13.08 6.31 7.61
N PRO A 369 -12.67 7.17 8.56
CA PRO A 369 -11.34 7.76 8.54
C PRO A 369 -10.24 6.77 9.03
N ILE A 370 -10.01 5.71 8.28
CA ILE A 370 -8.98 4.71 8.67
C ILE A 370 -7.82 4.63 7.67
N TYR A 371 -7.73 5.60 6.78
CA TYR A 371 -6.81 5.52 5.69
C TYR A 371 -5.37 5.67 6.06
N GLN A 372 -5.05 6.47 7.08
CA GLN A 372 -3.61 6.61 7.42
C GLN A 372 -3.01 5.24 7.73
N ARG A 373 -3.79 4.37 8.35
CA ARG A 373 -3.34 3.03 8.70
C ARG A 373 -2.97 2.16 7.47
N THR A 374 -3.54 2.49 6.31
CA THR A 374 -3.26 1.72 5.10
C THR A 374 -1.95 2.10 4.45
N ALA A 375 -1.42 3.26 4.81
CA ALA A 375 -0.42 3.99 3.98
C ALA A 375 1.04 3.59 4.22
N ALA A 376 1.29 2.62 5.10
CA ALA A 376 2.57 1.87 5.14
C ALA A 376 2.31 0.38 5.29
N TYR A 377 3.26 -0.42 4.81
CA TYR A 377 3.24 -1.89 4.94
C TYR A 377 2.21 -2.60 4.05
N GLY A 378 1.69 -1.89 3.04
CA GLY A 378 0.82 -2.47 2.06
C GLY A 378 -0.62 -2.25 2.45
N HIS A 379 -1.45 -2.10 1.42
CA HIS A 379 -2.90 -1.98 1.63
C HIS A 379 -3.64 -3.29 1.76
N PHE A 380 -2.95 -4.36 1.41
CA PHE A 380 -3.54 -5.69 1.29
C PHE A 380 -2.81 -6.69 2.14
N GLY A 381 -3.52 -7.72 2.56
CA GLY A 381 -2.92 -8.78 3.35
C GLY A 381 -2.74 -8.50 4.83
N ARG A 382 -3.37 -7.49 5.38
CA ARG A 382 -3.23 -7.29 6.82
C ARG A 382 -4.41 -6.65 7.47
N ASP A 383 -4.50 -6.87 8.78
CA ASP A 383 -5.41 -6.13 9.66
C ASP A 383 -6.88 -6.34 9.42
N SER A 384 -7.27 -7.33 8.63
CA SER A 384 -8.71 -7.58 8.42
C SER A 384 -9.51 -6.29 8.13
N PHE A 385 -8.91 -5.35 7.36
CA PHE A 385 -9.65 -4.28 6.69
C PHE A 385 -10.84 -4.93 5.98
N PRO A 386 -11.92 -4.15 5.69
CA PRO A 386 -13.10 -4.76 5.09
C PRO A 386 -12.86 -5.50 3.76
N TRP A 387 -11.89 -5.02 2.95
CA TRP A 387 -11.63 -5.65 1.66
C TRP A 387 -10.85 -6.97 1.81
N GLU A 388 -10.39 -7.26 3.03
CA GLU A 388 -9.68 -8.49 3.38
C GLU A 388 -10.59 -9.52 4.06
N VAL A 389 -11.87 -9.18 4.25
CA VAL A 389 -12.85 -10.12 4.79
C VAL A 389 -13.64 -10.71 3.59
N PRO A 390 -13.40 -11.99 3.25
CA PRO A 390 -14.02 -12.59 2.06
C PRO A 390 -15.55 -12.57 2.10
N LYS A 391 -16.15 -12.33 0.95
CA LYS A 391 -17.62 -12.39 0.81
C LYS A 391 -17.91 -13.85 0.55
N LYS A 392 -18.90 -14.37 1.27
CA LYS A 392 -19.47 -15.71 0.95
C LYS A 392 -20.19 -15.64 -0.38
N LEU A 393 -19.84 -16.51 -1.31
CA LEU A 393 -20.38 -16.45 -2.65
C LEU A 393 -21.57 -17.38 -2.88
N LYS A 394 -22.60 -16.85 -3.53
CA LYS A 394 -23.72 -17.63 -4.04
C LYS A 394 -23.49 -18.03 -5.51
N TYR A 395 -23.60 -19.33 -5.80
CA TYR A 395 -23.47 -19.85 -7.15
C TYR A 395 -24.02 -21.29 -7.22
MG MG B . 12.37 2.14 -6.95
MG MG C . 10.79 7.43 -4.87
K K D . 12.87 10.36 -5.57
O1 PG4 E . -1.33 -18.86 -19.98
C1 PG4 E . -1.11 -17.73 -20.83
C2 PG4 E . -2.43 -17.25 -21.41
O2 PG4 E . -2.74 -15.99 -20.84
C3 PG4 E . -3.73 -15.25 -21.56
C4 PG4 E . -4.28 -14.18 -20.65
O3 PG4 E . -3.32 -13.14 -20.43
C5 PG4 E . -3.85 -12.03 -19.70
C6 PG4 E . -3.18 -11.90 -18.36
O4 PG4 E . -3.26 -13.19 -17.78
C7 PG4 E . -2.48 -13.44 -16.64
C8 PG4 E . -2.38 -14.95 -16.61
O5 PG4 E . -1.24 -15.37 -17.36
O5' ADN F . 17.84 6.99 -3.06
C5' ADN F . 16.55 6.29 -3.05
C4' ADN F . 16.04 5.66 -1.70
O4' ADN F . 17.06 4.75 -1.19
C3' ADN F . 15.71 6.63 -0.57
O3' ADN F . 14.31 6.94 -0.36
C2' ADN F . 16.24 5.90 0.65
O2' ADN F . 15.20 5.17 1.30
C1' ADN F . 17.30 4.97 0.20
N9 ADN F . 18.60 5.63 0.43
C8 ADN F . 18.93 6.92 0.58
N7 ADN F . 20.25 7.04 0.84
C5 ADN F . 20.77 5.81 0.85
C6 ADN F . 22.11 5.25 1.10
N6 ADN F . 23.12 6.09 1.35
N1 ADN F . 22.22 3.92 1.10
C2 ADN F . 21.15 3.12 0.81
N3 ADN F . 19.89 3.56 0.60
C4 ADN F . 19.69 4.89 0.61
O11 PPV G . 11.50 5.74 -4.26
P1 PPV G . 12.77 4.91 -4.44
O21 PPV G . 13.42 4.61 -3.14
O31 PPV G . 12.48 3.70 -5.21
OPP PPV G . 13.78 5.86 -5.29
P2 PPV G . 13.35 6.72 -6.61
O12 PPV G . 14.57 7.43 -7.05
O22 PPV G . 12.80 5.83 -7.59
O32 PPV G . 12.33 7.71 -6.18
C1 PEG H . -0.93 5.96 11.63
O1 PEG H . -2.18 5.83 12.33
C2 PEG H . -0.80 4.91 10.56
O2 PEG H . 0.52 4.33 10.44
C3 PEG H . 0.47 3.13 9.65
C4 PEG H . 1.43 2.01 10.04
O4 PEG H . 0.80 0.72 10.21
C1 PEG I . -11.32 27.16 10.88
O1 PEG I . -12.65 27.22 11.42
C2 PEG I . -10.34 26.65 11.93
O2 PEG I . -9.74 25.43 11.49
C3 PEG I . -8.90 24.89 12.50
C4 PEG I . -9.74 24.09 13.48
O4 PEG I . -9.57 22.69 13.29
C1 EDO J . -17.88 17.96 -0.40
O1 EDO J . -18.82 17.20 -1.21
C2 EDO J . -18.63 18.69 0.70
O2 EDO J . -19.37 17.73 1.42
C1 EDO K . -17.82 21.86 -6.54
O1 EDO K . -18.69 22.40 -7.56
C2 EDO K . -16.61 22.78 -6.36
O2 EDO K . -15.53 22.00 -5.85
#